data_5LV4
#
_entry.id   5LV4
#
_cell.length_a   79.851
_cell.length_b   79.851
_cell.length_c   119.738
_cell.angle_alpha   90.00
_cell.angle_beta   90.00
_cell.angle_gamma   90.00
#
_symmetry.space_group_name_H-M   'I 41'
#
loop_
_entity.id
_entity.type
_entity.pdbx_description
1 polymer 'Protein arginine N-methyltransferase 6'
2 non-polymer '(2~{R})-4-[[(2~{R},3~{S},4~{R},5~{R})-5-(6-aminopurin-9-yl)-3,4-bis(oxidanyl)oxolan-2-yl]methyl-[[4-azanyl-1-(methoxymethyl)-2-oxidanylidene-pyrimidin-5-yl]methyl]amino]-2-azanyl-butanoic acid'
3 water water
#
_entity_poly.entity_id   1
_entity_poly.type   'polypeptide(L)'
_entity_poly.pdbx_seq_one_letter_code
;MGSSHHHHHHSSGTGSGENLYFQGHMSLSKKRKLESGDSGGAGAGGEGAEEENGGEQEAAPPRPRRTKSERDQLYYECYS
DVSVHEEMIADQVRTEAYRLGILKNWAALRGKTVLDVGAGTGILSIFCAQAGARRVYAVEASAIWQQAREVVRLNGLEDR
VHVLPGPVETVELPERVDAIVSEWMGYGLLHESMLSSVLHARTKWLKEGGLLLPASAELFVAPISDQMLEWRLGFWSQVK
QHYGVDMSCMESFATRCLMGHSEIVVQDLSGEDVLARPQRFAQLELARAGLEQELEAGVGGRFRCSCYGSAPLHGFAVWF
QVTFPGGDSEKPLVLSTSPLHPATHWKQALLYLNEPVPVEQDTDISGEITLLPSPDNPRRLRILLRYKVGDHEEKTKDFA
MED
;
_entity_poly.pdbx_strand_id   A
#
loop_
_chem_comp.id
_chem_comp.type
_chem_comp.name
_chem_comp.formula
78K non-polymer '(2~{R})-4-[[(2~{R},3~{S},4~{R},5~{R})-5-(6-aminopurin-9-yl)-3,4-bis(oxidanyl)oxolan-2-yl]methyl-[[4-azanyl-1-(methoxymethyl)-2-oxidanylidene-pyrimidin-5-yl]methyl]amino]-2-azanyl-butanoic acid' 'C21 H30 N10 O7'
#
# COMPACT_ATOMS: atom_id res chain seq x y z
N ASP A 81 -8.43 11.51 -14.21
CA ASP A 81 -9.11 11.86 -12.97
C ASP A 81 -10.08 10.74 -12.56
N VAL A 82 -10.78 10.15 -13.55
CA VAL A 82 -11.60 8.98 -13.27
C VAL A 82 -10.74 7.74 -13.10
N SER A 83 -9.48 7.82 -13.56
CA SER A 83 -8.67 6.63 -13.73
C SER A 83 -8.40 5.94 -12.40
N VAL A 84 -8.12 6.72 -11.36
CA VAL A 84 -7.83 6.06 -10.08
C VAL A 84 -9.07 5.33 -9.59
N HIS A 85 -10.25 5.93 -9.81
CA HIS A 85 -11.50 5.35 -9.35
C HIS A 85 -11.85 4.09 -10.15
N GLU A 86 -11.55 4.09 -11.46
CA GLU A 86 -11.74 2.89 -12.26
C GLU A 86 -10.88 1.76 -11.76
N GLU A 87 -9.61 2.04 -11.44
CA GLU A 87 -8.71 1.00 -10.96
C GLU A 87 -9.22 0.42 -9.65
N MET A 88 -9.80 1.26 -8.79
CA MET A 88 -10.29 0.77 -7.51
C MET A 88 -11.46 -0.18 -7.69
N ILE A 89 -12.47 0.25 -8.46
CA ILE A 89 -13.67 -0.54 -8.56
C ILE A 89 -13.44 -1.80 -9.39
N ALA A 90 -12.43 -1.82 -10.27
CA ALA A 90 -12.03 -3.04 -10.98
C ALA A 90 -11.17 -3.97 -10.15
N ASP A 91 -10.76 -3.55 -8.96
CA ASP A 91 -9.92 -4.35 -8.06
C ASP A 91 -10.86 -5.18 -7.19
N GLN A 92 -11.07 -6.44 -7.61
CA GLN A 92 -11.97 -7.33 -6.88
C GLN A 92 -11.44 -7.66 -5.50
N VAL A 93 -10.12 -7.81 -5.34
CA VAL A 93 -9.56 -8.08 -4.02
C VAL A 93 -9.88 -6.95 -3.05
N ARG A 94 -9.51 -5.71 -3.41
CA ARG A 94 -9.85 -4.55 -2.62
C ARG A 94 -11.34 -4.48 -2.32
N THR A 95 -12.17 -4.55 -3.35
CA THR A 95 -13.57 -4.20 -3.16
C THR A 95 -14.26 -5.26 -2.32
N GLU A 96 -14.00 -6.54 -2.61
CA GLU A 96 -14.63 -7.63 -1.86
C GLU A 96 -14.08 -7.72 -0.44
N ALA A 97 -12.79 -7.44 -0.25
CA ALA A 97 -12.22 -7.48 1.11
C ALA A 97 -12.91 -6.47 2.00
N TYR A 98 -13.06 -5.24 1.52
CA TYR A 98 -13.78 -4.25 2.30
C TYR A 98 -15.24 -4.63 2.47
N ARG A 99 -15.91 -5.09 1.41
CA ARG A 99 -17.32 -5.44 1.55
C ARG A 99 -17.50 -6.48 2.66
N LEU A 100 -16.68 -7.54 2.64
CA LEU A 100 -16.83 -8.61 3.61
C LEU A 100 -16.22 -8.27 4.96
N GLY A 101 -15.13 -7.51 4.97
CA GLY A 101 -14.60 -7.03 6.23
C GLY A 101 -15.61 -6.20 6.99
N ILE A 102 -16.35 -5.34 6.26
CA ILE A 102 -17.43 -4.56 6.85
C ILE A 102 -18.58 -5.47 7.29
N LEU A 103 -19.03 -6.38 6.42
CA LEU A 103 -20.15 -7.26 6.75
C LEU A 103 -19.86 -8.16 7.95
N LYS A 104 -18.61 -8.60 8.10
CA LYS A 104 -18.24 -9.42 9.25
C LYS A 104 -18.38 -8.66 10.57
N ASN A 105 -18.44 -7.33 10.55
CA ASN A 105 -18.61 -6.53 11.75
C ASN A 105 -20.03 -6.01 11.91
N TRP A 106 -20.99 -6.68 11.26
CA TRP A 106 -22.40 -6.36 11.41
C TRP A 106 -22.77 -6.15 12.87
N ALA A 107 -22.32 -7.06 13.75
CA ALA A 107 -22.74 -6.99 15.16
C ALA A 107 -22.31 -5.67 15.79
N ALA A 108 -21.07 -5.25 15.51
CA ALA A 108 -20.56 -3.99 16.05
C ALA A 108 -21.13 -2.79 15.34
N LEU A 109 -21.56 -2.94 14.10
CA LEU A 109 -22.05 -1.80 13.33
C LEU A 109 -23.56 -1.62 13.39
N ARG A 110 -24.30 -2.67 13.77
CA ARG A 110 -25.75 -2.62 13.66
C ARG A 110 -26.30 -1.53 14.57
N GLY A 111 -27.06 -0.59 14.01
CA GLY A 111 -27.60 0.51 14.79
C GLY A 111 -26.61 1.56 15.26
N LYS A 112 -25.36 1.54 14.78
CA LYS A 112 -24.28 2.39 15.25
C LYS A 112 -23.91 3.42 14.19
N THR A 113 -22.99 4.30 14.55
CA THR A 113 -22.56 5.39 13.68
C THR A 113 -21.13 5.18 13.19
N VAL A 114 -20.89 5.55 11.93
CA VAL A 114 -19.62 5.30 11.26
C VAL A 114 -19.14 6.59 10.61
N LEU A 115 -17.83 6.81 10.65
CA LEU A 115 -17.13 7.83 9.88
C LEU A 115 -16.27 7.14 8.82
N ASP A 116 -16.46 7.53 7.56
CA ASP A 116 -15.66 7.04 6.44
C ASP A 116 -14.67 8.16 6.09
N VAL A 117 -13.39 7.95 6.44
CA VAL A 117 -12.38 8.95 6.18
C VAL A 117 -11.88 8.81 4.74
N GLY A 118 -12.10 9.86 3.93
CA GLY A 118 -11.76 9.84 2.53
C GLY A 118 -12.71 8.97 1.73
N ALA A 119 -13.99 9.32 1.77
CA ALA A 119 -15.01 8.42 1.25
C ALA A 119 -15.02 8.30 -0.27
N GLY A 120 -14.36 9.21 -0.98
CA GLY A 120 -14.26 9.06 -2.43
C GLY A 120 -15.61 9.07 -3.10
N THR A 121 -15.89 8.03 -3.91
CA THR A 121 -17.19 7.88 -4.54
C THR A 121 -18.19 7.13 -3.67
N GLY A 122 -17.80 6.69 -2.47
CA GLY A 122 -18.74 6.37 -1.41
C GLY A 122 -19.04 4.91 -1.13
N ILE A 123 -18.41 3.97 -1.85
CA ILE A 123 -18.89 2.57 -1.74
C ILE A 123 -18.72 2.03 -0.33
N LEU A 124 -17.66 2.43 0.39
CA LEU A 124 -17.46 1.89 1.73
C LEU A 124 -18.54 2.39 2.69
N SER A 125 -18.98 3.64 2.52
CA SER A 125 -20.05 4.15 3.38
C SER A 125 -21.35 3.40 3.10
N ILE A 126 -21.64 3.13 1.83
CA ILE A 126 -22.82 2.32 1.48
C ILE A 126 -22.71 0.91 2.06
N PHE A 127 -21.55 0.26 1.90
CA PHE A 127 -21.37 -1.06 2.53
C PHE A 127 -21.66 -1.01 4.03
N CYS A 128 -21.17 0.04 4.71
CA CYS A 128 -21.42 0.15 6.16
C CYS A 128 -22.91 0.27 6.46
N ALA A 129 -23.64 1.06 5.67
CA ALA A 129 -25.08 1.15 5.84
C ALA A 129 -25.75 -0.19 5.57
N GLN A 130 -25.25 -0.93 4.58
CA GLN A 130 -25.83 -2.25 4.29
C GLN A 130 -25.49 -3.29 5.36
N ALA A 131 -24.43 -3.08 6.14
CA ALA A 131 -24.15 -3.91 7.32
C ALA A 131 -24.94 -3.49 8.54
N GLY A 132 -25.85 -2.51 8.38
CA GLY A 132 -26.75 -2.13 9.44
C GLY A 132 -26.43 -0.84 10.18
N ALA A 133 -25.38 -0.13 9.80
CA ALA A 133 -25.05 1.13 10.47
C ALA A 133 -26.25 2.06 10.47
N ARG A 134 -26.47 2.71 11.61
CA ARG A 134 -27.56 3.66 11.73
CA ARG A 134 -27.57 3.66 11.72
C ARG A 134 -27.30 4.89 10.85
N ARG A 135 -26.09 5.41 10.89
CA ARG A 135 -25.73 6.64 10.22
C ARG A 135 -24.26 6.59 9.88
N VAL A 136 -23.92 7.11 8.70
CA VAL A 136 -22.55 7.11 8.19
C VAL A 136 -22.24 8.53 7.74
N TYR A 137 -21.11 9.05 8.19
CA TYR A 137 -20.61 10.32 7.75
C TYR A 137 -19.47 10.04 6.80
N ALA A 138 -19.69 10.38 5.54
CA ALA A 138 -18.74 10.15 4.47
C ALA A 138 -18.00 11.45 4.20
N VAL A 139 -16.76 11.55 4.67
CA VAL A 139 -15.98 12.78 4.58
C VAL A 139 -14.96 12.66 3.43
N GLU A 140 -15.00 13.61 2.49
CA GLU A 140 -14.18 13.55 1.28
C GLU A 140 -13.68 14.94 0.93
N ALA A 141 -12.34 15.08 0.88
CA ALA A 141 -11.72 16.37 0.65
C ALA A 141 -11.70 16.76 -0.83
N SER A 142 -11.67 15.79 -1.74
CA SER A 142 -11.51 16.12 -3.15
C SER A 142 -12.85 16.50 -3.81
N ALA A 143 -12.75 16.95 -5.07
CA ALA A 143 -13.95 17.32 -5.82
C ALA A 143 -14.94 16.18 -6.00
N ILE A 144 -14.47 14.93 -5.93
CA ILE A 144 -15.30 13.78 -6.23
C ILE A 144 -16.37 13.55 -5.17
N TRP A 145 -16.34 14.31 -4.07
CA TRP A 145 -17.37 14.14 -3.05
C TRP A 145 -18.77 14.27 -3.65
N GLN A 146 -18.92 15.08 -4.69
CA GLN A 146 -20.22 15.22 -5.33
C GLN A 146 -20.73 13.91 -5.89
N GLN A 147 -19.83 13.04 -6.38
CA GLN A 147 -20.26 11.75 -6.90
C GLN A 147 -20.68 10.81 -5.79
N ALA A 148 -20.03 10.89 -4.63
CA ALA A 148 -20.47 10.11 -3.50
C ALA A 148 -21.88 10.51 -3.09
N ARG A 149 -22.20 11.81 -3.10
CA ARG A 149 -23.54 12.22 -2.74
CA ARG A 149 -23.54 12.20 -2.73
C ARG A 149 -24.56 11.67 -3.73
N GLU A 150 -24.20 11.60 -5.02
CA GLU A 150 -25.14 11.05 -6.00
C GLU A 150 -25.26 9.54 -5.86
N VAL A 151 -24.16 8.84 -5.59
CA VAL A 151 -24.22 7.40 -5.38
C VAL A 151 -25.11 7.08 -4.19
N VAL A 152 -24.97 7.85 -3.10
CA VAL A 152 -25.80 7.65 -1.92
C VAL A 152 -27.27 7.81 -2.30
N ARG A 153 -27.58 8.84 -3.08
CA ARG A 153 -28.96 9.08 -3.46
C ARG A 153 -29.50 7.96 -4.33
N LEU A 154 -28.71 7.51 -5.30
CA LEU A 154 -29.13 6.42 -6.19
C LEU A 154 -29.47 5.16 -5.41
N ASN A 155 -28.79 4.92 -4.30
CA ASN A 155 -29.05 3.75 -3.46
C ASN A 155 -30.08 4.01 -2.37
N GLY A 156 -30.75 5.15 -2.41
CA GLY A 156 -31.82 5.45 -1.46
C GLY A 156 -31.39 5.59 -0.03
N LEU A 157 -30.15 6.04 0.21
CA LEU A 157 -29.60 6.11 1.55
C LEU A 157 -29.36 7.54 2.00
N GLU A 158 -29.96 8.52 1.32
CA GLU A 158 -29.64 9.92 1.59
C GLU A 158 -30.03 10.33 3.00
N ASP A 159 -30.93 9.61 3.66
CA ASP A 159 -31.30 9.97 5.01
C ASP A 159 -30.47 9.27 6.06
N ARG A 160 -29.57 8.37 5.65
CA ARG A 160 -28.67 7.70 6.58
C ARG A 160 -27.18 7.88 6.28
N VAL A 161 -26.79 8.22 5.06
CA VAL A 161 -25.38 8.49 4.74
C VAL A 161 -25.26 9.95 4.31
N HIS A 162 -24.47 10.72 5.06
CA HIS A 162 -24.27 12.14 4.82
C HIS A 162 -22.87 12.38 4.30
N VAL A 163 -22.79 12.92 3.10
CA VAL A 163 -21.52 13.23 2.46
C VAL A 163 -21.13 14.67 2.84
N LEU A 164 -19.95 14.82 3.41
CA LEU A 164 -19.44 16.07 3.96
C LEU A 164 -18.14 16.43 3.24
N PRO A 165 -18.09 17.55 2.53
CA PRO A 165 -16.87 17.90 1.80
C PRO A 165 -15.80 18.48 2.71
N GLY A 166 -14.55 18.27 2.30
CA GLY A 166 -13.42 18.89 2.97
C GLY A 166 -12.58 17.93 3.80
N PRO A 167 -11.52 18.45 4.43
CA PRO A 167 -10.64 17.59 5.22
C PRO A 167 -11.33 17.10 6.49
N VAL A 168 -11.07 15.83 6.85
CA VAL A 168 -11.63 15.30 8.08
C VAL A 168 -11.08 16.05 9.28
N GLU A 169 -9.90 16.63 9.15
CA GLU A 169 -9.30 17.39 10.24
C GLU A 169 -10.15 18.58 10.68
N THR A 170 -11.00 19.12 9.80
CA THR A 170 -11.81 20.29 10.13
C THR A 170 -13.32 20.11 9.95
N VAL A 171 -13.78 18.97 9.41
CA VAL A 171 -15.21 18.71 9.32
C VAL A 171 -15.87 18.80 10.71
N GLU A 172 -17.11 19.24 10.73
CA GLU A 172 -17.89 19.25 11.96
C GLU A 172 -18.89 18.10 11.91
N LEU A 173 -18.66 17.10 12.68
CA LEU A 173 -19.67 16.07 12.80
C LEU A 173 -20.63 16.40 13.94
N PRO A 174 -21.88 15.95 13.84
CA PRO A 174 -22.84 16.24 14.91
C PRO A 174 -22.71 15.37 16.15
N GLU A 175 -21.88 14.33 16.11
CA GLU A 175 -21.75 13.38 17.21
C GLU A 175 -20.43 12.65 17.04
N ARG A 176 -19.93 12.06 18.13
CA ARG A 176 -18.83 11.13 18.03
C ARG A 176 -19.35 9.81 17.44
N VAL A 177 -18.45 9.02 16.88
CA VAL A 177 -18.84 7.85 16.10
C VAL A 177 -18.35 6.58 16.76
N ASP A 178 -19.05 5.47 16.50
CA ASP A 178 -18.71 4.17 17.05
C ASP A 178 -17.66 3.42 16.24
N ALA A 179 -17.41 3.81 14.99
CA ALA A 179 -16.46 3.12 14.13
C ALA A 179 -15.94 4.08 13.07
N ILE A 180 -14.69 3.87 12.67
CA ILE A 180 -14.10 4.54 11.52
C ILE A 180 -13.76 3.46 10.50
N VAL A 181 -14.18 3.67 9.25
CA VAL A 181 -13.66 2.87 8.14
C VAL A 181 -12.84 3.82 7.25
N SER A 182 -11.76 3.29 6.65
CA SER A 182 -11.07 4.11 5.66
C SER A 182 -10.24 3.25 4.73
N GLU A 183 -10.25 3.65 3.46
CA GLU A 183 -9.33 3.13 2.45
C GLU A 183 -8.11 4.05 2.39
N TRP A 184 -7.25 3.94 3.40
CA TRP A 184 -6.18 4.90 3.59
C TRP A 184 -4.83 4.45 3.02
N MET A 185 -4.69 3.17 2.66
CA MET A 185 -3.40 2.64 2.24
C MET A 185 -2.97 3.22 0.89
N GLY A 186 -1.71 3.63 0.80
CA GLY A 186 -1.13 4.00 -0.47
C GLY A 186 -0.13 2.97 -0.94
N TYR A 187 0.53 3.32 -2.05
CA TYR A 187 1.62 2.49 -2.53
C TYR A 187 2.67 2.36 -1.45
N GLY A 188 3.28 1.19 -1.35
CA GLY A 188 4.20 0.92 -0.26
C GLY A 188 3.59 1.18 1.11
N LEU A 189 2.28 0.97 1.19
CA LEU A 189 1.42 1.23 2.35
C LEU A 189 1.28 2.71 2.71
N LEU A 190 2.37 3.44 2.84
CA LEU A 190 2.32 4.78 3.42
C LEU A 190 2.49 5.92 2.43
N HIS A 191 2.65 5.68 1.12
CA HIS A 191 2.75 6.83 0.22
C HIS A 191 1.41 7.55 0.16
N GLU A 192 1.47 8.89 0.23
CA GLU A 192 0.39 9.86 0.37
C GLU A 192 0.09 10.20 1.84
N SER A 193 0.51 9.33 2.77
CA SER A 193 0.50 9.64 4.21
C SER A 193 -0.92 9.82 4.81
N MET A 194 -1.95 9.21 4.20
CA MET A 194 -3.33 9.29 4.69
C MET A 194 -3.57 8.70 6.09
N LEU A 195 -2.75 7.77 6.55
CA LEU A 195 -2.97 7.18 7.86
C LEU A 195 -3.04 8.27 8.94
N SER A 196 -2.24 9.32 8.81
CA SER A 196 -2.26 10.35 9.84
C SER A 196 -3.64 10.99 9.98
N SER A 197 -4.39 11.11 8.87
CA SER A 197 -5.74 11.66 8.94
C SER A 197 -6.71 10.70 9.62
N VAL A 198 -6.55 9.40 9.38
CA VAL A 198 -7.36 8.42 10.12
C VAL A 198 -7.08 8.51 11.61
N LEU A 199 -5.80 8.64 12.00
CA LEU A 199 -5.47 8.75 13.42
C LEU A 199 -5.98 10.06 14.02
N HIS A 200 -5.94 11.16 13.26
CA HIS A 200 -6.50 12.43 13.73
C HIS A 200 -8.00 12.27 14.00
N ALA A 201 -8.73 11.67 13.06
CA ALA A 201 -10.16 11.41 13.27
C ALA A 201 -10.41 10.46 14.45
N ARG A 202 -9.59 9.43 14.61
CA ARG A 202 -9.76 8.56 15.77
C ARG A 202 -9.73 9.36 17.06
N THR A 203 -8.67 10.17 17.23
CA THR A 203 -8.52 10.97 18.44
C THR A 203 -9.69 11.92 18.61
N LYS A 204 -10.10 12.60 17.54
CA LYS A 204 -11.09 13.66 17.64
C LYS A 204 -12.52 13.13 17.70
N TRP A 205 -12.83 12.06 16.95
CA TRP A 205 -14.23 11.68 16.75
C TRP A 205 -14.60 10.27 17.20
N LEU A 206 -13.64 9.37 17.43
CA LEU A 206 -14.00 7.99 17.78
C LEU A 206 -14.31 7.85 19.27
N LYS A 207 -15.42 7.18 19.56
CA LYS A 207 -15.81 6.93 20.94
C LYS A 207 -14.84 5.95 21.58
N GLU A 208 -14.74 6.00 22.90
CA GLU A 208 -13.83 5.11 23.61
C GLU A 208 -14.15 3.68 23.24
N GLY A 209 -13.13 2.90 22.88
CA GLY A 209 -13.35 1.52 22.52
C GLY A 209 -13.96 1.30 21.16
N GLY A 210 -14.03 2.33 20.34
CA GLY A 210 -14.63 2.20 19.01
C GLY A 210 -13.77 1.37 18.09
N LEU A 211 -14.37 1.05 16.93
CA LEU A 211 -13.84 0.10 15.96
C LEU A 211 -13.13 0.87 14.85
N LEU A 212 -11.97 0.35 14.43
CA LEU A 212 -11.23 0.83 13.26
C LEU A 212 -11.23 -0.26 12.19
N LEU A 213 -11.66 0.10 10.97
CA LEU A 213 -11.67 -0.84 9.87
C LEU A 213 -10.86 -0.32 8.68
N PRO A 214 -9.76 -1.02 8.32
CA PRO A 214 -9.14 -2.14 9.03
C PRO A 214 -8.49 -1.71 10.31
N ALA A 215 -8.07 -2.68 11.12
CA ALA A 215 -7.55 -2.43 12.45
C ALA A 215 -6.05 -2.47 12.53
N SER A 216 -5.39 -3.09 11.56
CA SER A 216 -3.96 -3.32 11.67
C SER A 216 -3.39 -3.54 10.28
N ALA A 217 -2.06 -3.44 10.19
CA ALA A 217 -1.35 -3.57 8.92
C ALA A 217 0.00 -4.22 9.20
N GLU A 218 0.48 -4.97 8.22
CA GLU A 218 1.79 -5.60 8.28
C GLU A 218 2.53 -5.31 6.97
N LEU A 219 3.84 -5.16 7.10
CA LEU A 219 4.73 -4.85 6.00
C LEU A 219 5.65 -6.05 5.76
N PHE A 220 5.80 -6.39 4.49
CA PHE A 220 6.61 -7.53 4.06
C PHE A 220 7.63 -7.09 3.02
N VAL A 221 8.76 -7.82 2.98
CA VAL A 221 9.80 -7.65 1.98
C VAL A 221 10.26 -9.01 1.49
N ALA A 222 10.65 -9.07 0.22
CA ALA A 222 11.36 -10.24 -0.33
C ALA A 222 12.36 -9.77 -1.38
N PRO A 223 13.50 -10.46 -1.50
CA PRO A 223 14.39 -10.21 -2.63
C PRO A 223 13.72 -10.67 -3.91
N ILE A 224 14.02 -9.95 -4.99
CA ILE A 224 13.36 -10.22 -6.26
C ILE A 224 14.36 -10.38 -7.39
N SER A 225 14.03 -11.26 -8.33
CA SER A 225 14.61 -11.25 -9.67
C SER A 225 13.42 -10.96 -10.59
N ASP A 226 13.32 -9.71 -11.01
CA ASP A 226 12.22 -9.19 -11.83
C ASP A 226 12.38 -9.72 -13.25
N GLN A 227 11.54 -10.68 -13.63
CA GLN A 227 11.69 -11.38 -14.91
C GLN A 227 11.52 -10.44 -16.09
N MET A 228 10.57 -9.49 -15.98
CA MET A 228 10.36 -8.51 -17.04
C MET A 228 11.57 -7.58 -17.16
N LEU A 229 12.10 -7.10 -16.02
CA LEU A 229 13.31 -6.28 -16.07
C LEU A 229 14.47 -7.06 -16.69
N GLU A 230 14.64 -8.32 -16.29
CA GLU A 230 15.73 -9.14 -16.85
C GLU A 230 15.61 -9.18 -18.36
N TRP A 231 14.40 -9.39 -18.87
CA TRP A 231 14.19 -9.49 -20.30
C TRP A 231 14.45 -8.16 -20.99
N ARG A 232 13.95 -7.06 -20.41
CA ARG A 232 14.15 -5.73 -21.00
C ARG A 232 15.63 -5.41 -21.15
N LEU A 233 16.40 -5.64 -20.08
CA LEU A 233 17.81 -5.34 -20.12
C LEU A 233 18.53 -6.26 -21.09
N GLY A 234 18.13 -7.53 -21.13
CA GLY A 234 18.86 -8.47 -21.94
C GLY A 234 18.54 -8.39 -23.41
N PHE A 235 17.43 -7.73 -23.76
CA PHE A 235 17.02 -7.75 -25.15
C PHE A 235 18.04 -7.07 -26.05
N TRP A 236 18.78 -6.09 -25.51
CA TRP A 236 19.78 -5.39 -26.32
C TRP A 236 20.86 -6.37 -26.81
N SER A 237 21.19 -7.35 -25.98
CA SER A 237 22.16 -8.38 -26.34
C SER A 237 21.59 -9.47 -27.24
N GLN A 238 20.29 -9.45 -27.52
CA GLN A 238 19.67 -10.37 -28.45
C GLN A 238 19.44 -9.75 -29.83
N VAL A 239 19.71 -8.45 -29.99
CA VAL A 239 19.43 -7.79 -31.26
C VAL A 239 20.22 -8.44 -32.39
N LYS A 240 21.47 -8.80 -32.12
CA LYS A 240 22.31 -9.44 -33.14
C LYS A 240 21.62 -10.69 -33.72
N GLN A 241 21.02 -11.52 -32.87
CA GLN A 241 20.38 -12.75 -33.32
C GLN A 241 19.07 -12.51 -34.05
N HIS A 242 18.50 -11.31 -33.96
CA HIS A 242 17.23 -11.04 -34.62
C HIS A 242 17.34 -10.13 -35.83
N TYR A 243 18.34 -9.25 -35.87
CA TYR A 243 18.48 -8.29 -36.95
C TYR A 243 19.89 -8.19 -37.49
N GLY A 244 20.84 -8.89 -36.92
CA GLY A 244 22.20 -8.87 -37.43
C GLY A 244 23.02 -7.65 -37.10
N VAL A 245 22.64 -6.91 -36.05
CA VAL A 245 23.37 -5.75 -35.57
C VAL A 245 23.59 -5.96 -34.08
N ASP A 246 24.84 -5.84 -33.64
CA ASP A 246 25.17 -5.96 -32.23
C ASP A 246 24.80 -4.67 -31.51
N MET A 247 23.88 -4.78 -30.55
CA MET A 247 23.48 -3.64 -29.73
C MET A 247 23.73 -3.88 -28.24
N SER A 248 24.65 -4.78 -27.91
CA SER A 248 24.83 -5.17 -26.51
C SER A 248 25.35 -4.02 -25.64
N CYS A 249 26.02 -3.02 -26.22
CA CYS A 249 26.45 -1.87 -25.43
C CYS A 249 25.27 -1.10 -24.83
N MET A 250 24.07 -1.25 -25.37
CA MET A 250 22.91 -0.56 -24.78
C MET A 250 22.52 -1.17 -23.44
N GLU A 251 22.97 -2.37 -23.12
CA GLU A 251 22.56 -2.99 -21.86
C GLU A 251 23.00 -2.16 -20.66
N SER A 252 24.24 -1.67 -20.67
CA SER A 252 24.73 -0.89 -19.53
C SER A 252 23.96 0.42 -19.44
N PHE A 253 23.69 1.05 -20.57
CA PHE A 253 22.90 2.28 -20.58
C PHE A 253 21.52 2.03 -19.98
N ALA A 254 20.89 0.93 -20.40
CA ALA A 254 19.53 0.64 -19.96
C ALA A 254 19.52 0.32 -18.48
N THR A 255 20.55 -0.36 -18.00
CA THR A 255 20.68 -0.67 -16.58
C THR A 255 20.79 0.61 -15.75
N ARG A 256 21.58 1.58 -16.23
CA ARG A 256 21.69 2.85 -15.51
C ARG A 256 20.35 3.55 -15.44
N CYS A 257 19.60 3.57 -16.55
CA CYS A 257 18.28 4.22 -16.57
C CYS A 257 17.28 3.52 -15.65
N LEU A 258 17.20 2.19 -15.74
CA LEU A 258 16.12 1.46 -15.08
C LEU A 258 16.43 1.05 -13.64
N MET A 259 17.70 0.97 -13.25
CA MET A 259 18.08 0.56 -11.91
C MET A 259 18.93 1.57 -11.16
N GLY A 260 19.68 2.40 -11.90
CA GLY A 260 20.62 3.32 -11.27
C GLY A 260 19.99 4.53 -10.59
N HIS A 261 18.69 4.78 -10.80
CA HIS A 261 18.01 5.89 -10.15
C HIS A 261 17.73 5.56 -8.68
N SER A 262 17.13 6.48 -7.94
CA SER A 262 16.81 6.23 -6.54
C SER A 262 15.31 6.46 -6.29
N GLU A 263 14.49 6.06 -7.23
CA GLU A 263 13.04 6.15 -7.10
C GLU A 263 12.46 4.80 -6.71
N ILE A 264 11.44 4.83 -5.85
CA ILE A 264 10.60 3.64 -5.66
C ILE A 264 9.75 3.46 -6.90
N VAL A 265 9.70 2.24 -7.42
CA VAL A 265 8.98 1.91 -8.65
C VAL A 265 7.77 1.06 -8.28
N VAL A 266 6.58 1.49 -8.69
CA VAL A 266 5.37 0.71 -8.44
C VAL A 266 5.15 -0.23 -9.61
N GLN A 267 5.15 -1.53 -9.34
CA GLN A 267 5.04 -2.52 -10.39
C GLN A 267 4.53 -3.81 -9.75
N ASP A 268 3.71 -4.56 -10.50
CA ASP A 268 3.19 -5.82 -10.01
C ASP A 268 4.13 -6.94 -10.41
N LEU A 269 4.40 -7.82 -9.46
CA LEU A 269 5.21 -8.99 -9.65
C LEU A 269 4.38 -10.24 -9.34
N SER A 270 5.01 -11.41 -9.47
CA SER A 270 4.38 -12.68 -9.13
C SER A 270 5.40 -13.59 -8.47
N GLY A 271 4.98 -14.82 -8.16
CA GLY A 271 5.90 -15.77 -7.55
C GLY A 271 7.13 -16.04 -8.39
N GLU A 272 7.04 -15.86 -9.71
CA GLU A 272 8.19 -16.10 -10.58
C GLU A 272 9.31 -15.09 -10.29
N ASP A 273 9.01 -13.99 -9.62
CA ASP A 273 10.00 -12.97 -9.34
C ASP A 273 10.57 -13.05 -7.94
N VAL A 274 10.01 -13.88 -7.06
CA VAL A 274 10.31 -13.84 -5.64
C VAL A 274 11.45 -14.82 -5.37
N LEU A 275 12.56 -14.33 -4.82
CA LEU A 275 13.79 -15.11 -4.66
C LEU A 275 13.96 -15.77 -3.29
N ALA A 276 13.13 -15.45 -2.33
CA ALA A 276 13.24 -16.09 -1.02
C ALA A 276 11.89 -15.94 -0.33
N ARG A 277 11.73 -16.68 0.77
CA ARG A 277 10.50 -16.60 1.54
C ARG A 277 10.29 -15.15 1.99
N PRO A 278 9.13 -14.57 1.75
CA PRO A 278 8.87 -13.20 2.24
C PRO A 278 9.00 -13.11 3.76
N GLN A 279 9.45 -11.94 4.22
CA GLN A 279 9.68 -11.66 5.63
C GLN A 279 8.85 -10.46 6.09
N ARG A 280 8.14 -10.62 7.19
CA ARG A 280 7.44 -9.50 7.81
C ARG A 280 8.46 -8.68 8.57
N PHE A 281 8.49 -7.39 8.30
CA PHE A 281 9.44 -6.51 8.96
C PHE A 281 8.80 -5.43 9.79
N ALA A 282 7.48 -5.28 9.77
CA ALA A 282 6.85 -4.36 10.70
C ALA A 282 5.36 -4.68 10.81
N GLN A 283 4.79 -4.29 11.95
CA GLN A 283 3.38 -4.46 12.28
C GLN A 283 2.88 -3.16 12.88
N LEU A 284 1.76 -2.66 12.39
CA LEU A 284 1.14 -1.44 12.88
C LEU A 284 -0.25 -1.77 13.41
N GLU A 285 -0.46 -1.50 14.69
CA GLU A 285 -1.77 -1.64 15.30
C GLU A 285 -2.35 -0.24 15.35
N LEU A 286 -3.39 0.00 14.55
CA LEU A 286 -3.78 1.39 14.30
C LEU A 286 -4.27 2.10 15.56
N ALA A 287 -4.79 1.36 16.54
CA ALA A 287 -5.32 2.02 17.74
C ALA A 287 -4.26 2.23 18.81
N ARG A 288 -3.02 1.83 18.58
CA ARG A 288 -2.06 1.73 19.67
C ARG A 288 -1.42 3.09 19.97
N ALA A 289 -1.21 3.33 21.25
CA ALA A 289 -0.59 4.56 21.70
C ALA A 289 0.77 4.69 21.06
N GLY A 290 1.06 5.90 20.55
CA GLY A 290 2.37 6.22 20.01
C GLY A 290 2.52 6.06 18.51
N LEU A 291 1.51 5.55 17.81
CA LEU A 291 1.72 5.26 16.40
C LEU A 291 2.02 6.53 15.60
N GLU A 292 1.32 7.64 15.90
CA GLU A 292 1.61 8.89 15.18
C GLU A 292 3.10 9.20 15.22
N GLN A 293 3.73 9.10 16.40
CA GLN A 293 5.14 9.46 16.54
C GLN A 293 6.03 8.45 15.83
N GLU A 294 5.67 7.17 15.84
CA GLU A 294 6.40 6.18 15.06
C GLU A 294 6.42 6.53 13.58
N LEU A 295 5.27 6.94 13.03
CA LEU A 295 5.25 7.29 11.61
C LEU A 295 6.23 8.40 11.31
N GLU A 296 6.34 9.39 12.20
CA GLU A 296 7.27 10.49 11.95
C GLU A 296 8.71 10.03 12.03
N ALA A 297 9.02 9.13 12.98
CA ALA A 297 10.39 8.67 13.18
C ALA A 297 10.82 7.63 12.17
N GLY A 298 9.86 6.89 11.59
CA GLY A 298 10.17 5.87 10.62
C GLY A 298 9.58 4.56 11.11
N VAL A 299 8.94 3.83 10.20
CA VAL A 299 8.36 2.53 10.45
C VAL A 299 9.19 1.49 9.71
N GLY A 300 9.59 0.44 10.41
CA GLY A 300 10.24 -0.65 9.68
C GLY A 300 11.01 -1.54 10.63
N GLY A 301 12.03 -2.18 10.07
CA GLY A 301 12.76 -3.18 10.83
C GLY A 301 13.71 -3.97 9.96
N ARG A 302 14.41 -4.88 10.61
CA ARG A 302 15.39 -5.74 9.99
C ARG A 302 14.72 -6.97 9.40
N PHE A 303 15.44 -7.62 8.50
CA PHE A 303 15.01 -8.88 7.91
C PHE A 303 16.24 -9.66 7.51
N ARG A 304 16.03 -10.98 7.32
CA ARG A 304 17.05 -11.89 6.85
C ARG A 304 16.33 -13.00 6.10
N CYS A 305 16.96 -13.49 5.04
CA CYS A 305 16.39 -14.61 4.29
C CYS A 305 17.51 -15.29 3.53
N SER A 306 17.17 -16.41 2.88
CA SER A 306 18.14 -17.20 2.13
C SER A 306 17.55 -17.54 0.77
N CYS A 307 18.34 -17.35 -0.29
CA CYS A 307 17.77 -17.40 -1.62
C CYS A 307 17.38 -18.81 -2.01
N TYR A 308 16.33 -18.91 -2.81
CA TYR A 308 15.85 -20.20 -3.28
C TYR A 308 16.78 -20.80 -4.33
N GLY A 309 17.31 -19.97 -5.22
CA GLY A 309 18.13 -20.48 -6.31
C GLY A 309 19.01 -19.41 -6.95
N SER A 310 19.60 -19.78 -8.07
CA SER A 310 20.50 -18.91 -8.81
C SER A 310 19.72 -17.97 -9.71
N ALA A 311 20.02 -16.69 -9.62
CA ALA A 311 19.35 -15.68 -10.42
C ALA A 311 20.06 -14.36 -10.21
N PRO A 312 19.85 -13.40 -11.11
CA PRO A 312 20.28 -12.03 -10.82
C PRO A 312 19.32 -11.40 -9.82
N LEU A 313 19.85 -10.99 -8.68
CA LEU A 313 19.09 -10.20 -7.73
C LEU A 313 19.00 -8.77 -8.22
N HIS A 314 17.79 -8.23 -8.31
CA HIS A 314 17.55 -6.87 -8.76
C HIS A 314 17.24 -5.92 -7.62
N GLY A 315 16.98 -6.45 -6.43
CA GLY A 315 16.57 -5.63 -5.32
C GLY A 315 15.49 -6.31 -4.51
N PHE A 316 14.53 -5.51 -4.01
CA PHE A 316 13.52 -6.01 -3.10
C PHE A 316 12.15 -5.48 -3.48
N ALA A 317 11.13 -6.24 -3.15
CA ALA A 317 9.77 -5.78 -3.25
C ALA A 317 9.21 -5.63 -1.83
N VAL A 318 8.49 -4.54 -1.63
CA VAL A 318 7.79 -4.26 -0.38
C VAL A 318 6.30 -4.26 -0.67
N TRP A 319 5.54 -4.89 0.22
CA TRP A 319 4.09 -4.88 0.13
C TRP A 319 3.51 -4.93 1.53
N PHE A 320 2.20 -4.97 1.62
CA PHE A 320 1.55 -4.90 2.92
C PHE A 320 0.32 -5.79 2.91
N GLN A 321 -0.18 -6.08 4.11
CA GLN A 321 -1.54 -6.56 4.27
C GLN A 321 -2.19 -5.75 5.39
N VAL A 322 -3.54 -5.71 5.38
CA VAL A 322 -4.30 -5.11 6.46
C VAL A 322 -5.32 -6.14 6.90
N THR A 323 -5.72 -6.06 8.17
CA THR A 323 -6.64 -7.02 8.77
C THR A 323 -7.88 -6.31 9.31
N PHE A 324 -9.05 -6.89 9.00
CA PHE A 324 -10.31 -6.48 9.57
C PHE A 324 -10.65 -7.40 10.74
N PRO A 325 -10.85 -6.88 11.95
CA PRO A 325 -11.10 -7.71 13.13
C PRO A 325 -12.28 -8.63 12.93
N PRO A 332 -10.15 -13.47 11.40
CA PRO A 332 -10.12 -12.13 10.82
C PRO A 332 -9.92 -12.16 9.31
N LEU A 333 -10.45 -11.18 8.58
CA LEU A 333 -10.27 -11.15 7.14
C LEU A 333 -9.03 -10.31 6.80
N VAL A 334 -8.15 -10.88 5.97
CA VAL A 334 -6.90 -10.25 5.59
C VAL A 334 -6.98 -9.81 4.12
N LEU A 335 -6.65 -8.54 3.86
CA LEU A 335 -6.53 -8.00 2.50
C LEU A 335 -5.04 -7.94 2.21
N SER A 336 -4.58 -8.73 1.27
CA SER A 336 -3.15 -8.88 1.01
C SER A 336 -2.80 -8.27 -0.33
N THR A 337 -1.63 -7.64 -0.40
CA THR A 337 -1.09 -7.15 -1.66
C THR A 337 0.21 -7.86 -2.04
N SER A 338 0.40 -9.08 -1.55
CA SER A 338 1.56 -9.88 -1.87
C SER A 338 1.59 -10.29 -3.35
N PRO A 339 2.77 -10.39 -3.95
CA PRO A 339 2.84 -10.90 -5.33
C PRO A 339 2.53 -12.37 -5.41
N LEU A 340 2.50 -13.09 -4.29
CA LEU A 340 2.09 -14.50 -4.29
C LEU A 340 0.59 -14.68 -4.20
N HIS A 341 -0.16 -13.60 -3.99
CA HIS A 341 -1.60 -13.59 -3.91
C HIS A 341 -2.20 -12.81 -5.08
N PRO A 342 -3.51 -12.88 -5.27
CA PRO A 342 -4.10 -12.25 -6.46
C PRO A 342 -3.76 -10.77 -6.51
N ALA A 343 -3.55 -10.27 -7.73
CA ALA A 343 -3.07 -8.91 -7.93
C ALA A 343 -4.09 -7.88 -7.44
N THR A 344 -3.57 -6.71 -7.05
CA THR A 344 -4.38 -5.56 -6.62
C THR A 344 -3.84 -4.29 -7.25
N HIS A 345 -4.65 -3.24 -7.17
CA HIS A 345 -4.21 -1.96 -7.71
C HIS A 345 -3.04 -1.36 -6.96
N TRP A 346 -2.74 -1.84 -5.73
CA TRP A 346 -1.58 -1.34 -5.00
C TRP A 346 -0.28 -1.93 -5.52
N LYS A 347 -0.35 -3.02 -6.30
CA LYS A 347 0.83 -3.69 -6.86
C LYS A 347 1.83 -3.92 -5.74
N GLN A 348 3.13 -3.73 -6.00
CA GLN A 348 4.14 -3.71 -4.95
C GLN A 348 5.07 -2.51 -5.19
N ALA A 349 5.87 -2.19 -4.18
CA ALA A 349 6.84 -1.10 -4.25
C ALA A 349 8.22 -1.72 -4.39
N LEU A 350 8.89 -1.44 -5.51
CA LEU A 350 10.14 -2.09 -5.87
C LEU A 350 11.32 -1.17 -5.58
N LEU A 351 12.31 -1.73 -4.91
CA LEU A 351 13.56 -1.05 -4.53
C LEU A 351 14.67 -1.72 -5.30
N TYR A 352 15.09 -1.10 -6.39
CA TYR A 352 16.07 -1.72 -7.25
C TYR A 352 17.46 -1.33 -6.78
N LEU A 353 18.35 -2.30 -6.76
CA LEU A 353 19.76 -1.98 -6.57
C LEU A 353 20.29 -1.28 -7.82
N ASN A 354 21.48 -0.64 -7.70
CA ASN A 354 22.02 0.11 -8.84
C ASN A 354 22.30 -0.79 -10.04
N GLU A 355 22.63 -2.06 -9.79
CA GLU A 355 22.76 -3.03 -10.87
C GLU A 355 22.50 -4.42 -10.32
N PRO A 356 22.29 -5.40 -11.20
CA PRO A 356 22.05 -6.79 -10.75
C PRO A 356 23.26 -7.38 -10.02
N VAL A 357 22.96 -8.23 -9.04
CA VAL A 357 23.95 -8.95 -8.24
C VAL A 357 23.66 -10.45 -8.36
N PRO A 358 24.59 -11.27 -8.83
CA PRO A 358 24.31 -12.71 -8.93
C PRO A 358 24.17 -13.32 -7.55
N VAL A 359 23.15 -14.15 -7.38
CA VAL A 359 23.00 -14.94 -6.16
C VAL A 359 22.78 -16.40 -6.55
N GLU A 360 22.85 -17.26 -5.55
CA GLU A 360 22.74 -18.70 -5.74
C GLU A 360 21.85 -19.28 -4.66
N GLN A 361 21.55 -20.57 -4.77
CA GLN A 361 20.79 -21.23 -3.71
C GLN A 361 21.52 -20.99 -2.40
N ASP A 362 20.77 -20.60 -1.39
CA ASP A 362 21.22 -20.42 0.00
C ASP A 362 22.09 -19.19 0.21
N THR A 363 22.22 -18.30 -0.78
CA THR A 363 22.86 -17.03 -0.48
C THR A 363 22.07 -16.28 0.57
N ASP A 364 22.73 -15.91 1.65
CA ASP A 364 22.06 -15.20 2.74
C ASP A 364 22.00 -13.73 2.41
N ILE A 365 20.83 -13.15 2.62
CA ILE A 365 20.59 -11.74 2.43
C ILE A 365 19.99 -11.20 3.72
N SER A 366 20.51 -10.06 4.20
CA SER A 366 19.96 -9.41 5.38
C SER A 366 19.89 -7.92 5.10
N GLY A 367 19.15 -7.22 5.94
CA GLY A 367 19.06 -5.79 5.76
C GLY A 367 18.09 -5.16 6.73
N GLU A 368 17.73 -3.92 6.40
CA GLU A 368 16.83 -3.11 7.21
C GLU A 368 16.11 -2.16 6.27
N ILE A 369 14.81 -1.99 6.49
CA ILE A 369 13.98 -1.11 5.67
C ILE A 369 13.24 -0.18 6.60
N THR A 370 13.31 1.12 6.31
CA THR A 370 12.59 2.14 7.07
C THR A 370 11.75 2.96 6.11
N LEU A 371 10.46 3.08 6.41
CA LEU A 371 9.54 3.92 5.64
C LEU A 371 9.39 5.23 6.40
N LEU A 372 9.64 6.35 5.71
CA LEU A 372 9.73 7.67 6.32
C LEU A 372 8.95 8.67 5.48
N PRO A 373 8.49 9.75 6.08
CA PRO A 373 8.00 10.86 5.27
C PRO A 373 9.18 11.55 4.59
N SER A 374 8.98 12.01 3.36
CA SER A 374 10.03 12.76 2.69
C SER A 374 10.25 14.11 3.38
N PRO A 375 11.50 14.57 3.50
CA PRO A 375 11.74 15.90 4.09
C PRO A 375 10.92 17.02 3.48
N ASP A 376 10.82 17.10 2.16
CA ASP A 376 10.16 18.23 1.55
C ASP A 376 8.65 18.06 1.44
N ASN A 377 8.18 16.85 1.21
CA ASN A 377 6.74 16.57 1.15
C ASN A 377 6.44 15.42 2.09
N PRO A 378 5.74 15.65 3.22
CA PRO A 378 5.49 14.55 4.16
C PRO A 378 4.55 13.50 3.60
N ARG A 379 3.85 13.81 2.52
CA ARG A 379 2.99 12.83 1.87
C ARG A 379 3.72 11.95 0.88
N ARG A 380 4.96 12.25 0.53
CA ARG A 380 5.71 11.42 -0.40
C ARG A 380 6.52 10.41 0.41
N LEU A 381 6.34 9.14 0.10
CA LEU A 381 7.08 8.12 0.83
C LEU A 381 8.55 8.10 0.44
N ARG A 382 9.37 7.99 1.46
CA ARG A 382 10.80 7.72 1.36
C ARG A 382 11.05 6.36 1.98
N ILE A 383 11.96 5.58 1.39
CA ILE A 383 12.37 4.31 1.96
C ILE A 383 13.88 4.29 2.02
N LEU A 384 14.41 4.07 3.22
CA LEU A 384 15.84 3.89 3.40
C LEU A 384 16.11 2.40 3.52
N LEU A 385 16.95 1.90 2.64
CA LEU A 385 17.29 0.47 2.53
C LEU A 385 18.74 0.28 2.89
N ARG A 386 19.00 -0.59 3.87
CA ARG A 386 20.31 -1.17 4.11
C ARG A 386 20.22 -2.65 3.74
N TYR A 387 21.24 -3.17 3.05
CA TYR A 387 21.18 -4.58 2.67
C TYR A 387 22.57 -5.16 2.57
N LYS A 388 22.65 -6.48 2.78
CA LYS A 388 23.93 -7.18 2.67
C LYS A 388 23.67 -8.48 1.96
N VAL A 389 24.34 -8.66 0.82
CA VAL A 389 24.17 -9.83 -0.04
C VAL A 389 25.40 -10.73 0.12
N GLY A 390 25.17 -11.93 0.64
CA GLY A 390 26.25 -12.89 0.81
C GLY A 390 27.38 -12.29 1.60
N ASP A 391 28.59 -12.47 1.08
CA ASP A 391 29.80 -11.96 1.70
C ASP A 391 30.11 -10.52 1.29
N HIS A 392 29.26 -9.92 0.46
CA HIS A 392 29.47 -8.53 0.11
C HIS A 392 29.31 -7.64 1.34
N GLU A 393 29.88 -6.45 1.24
CA GLU A 393 29.73 -5.47 2.31
C GLU A 393 28.30 -4.95 2.33
N GLU A 394 27.85 -4.56 3.53
CA GLU A 394 26.56 -3.90 3.65
C GLU A 394 26.54 -2.63 2.81
N LYS A 395 25.44 -2.44 2.10
CA LYS A 395 25.25 -1.26 1.25
C LYS A 395 23.98 -0.53 1.68
N THR A 396 23.87 0.72 1.22
CA THR A 396 22.72 1.58 1.51
C THR A 396 22.19 2.19 0.23
N LYS A 397 20.87 2.36 0.16
CA LYS A 397 20.24 3.10 -0.92
C LYS A 397 18.99 3.79 -0.38
N ASP A 398 18.86 5.09 -0.68
CA ASP A 398 17.85 5.97 -0.12
C ASP A 398 16.89 6.33 -1.26
N PHE A 399 15.66 5.83 -1.18
CA PHE A 399 14.69 5.95 -2.27
C PHE A 399 13.57 6.92 -1.94
N ALA A 400 13.05 7.56 -2.99
CA ALA A 400 11.85 8.37 -2.88
C ALA A 400 10.85 7.90 -3.92
N MET A 401 9.57 7.97 -3.55
CA MET A 401 8.53 7.47 -4.44
C MET A 401 8.58 8.16 -5.79
N GLU A 402 8.47 7.38 -6.87
CA GLU A 402 8.38 7.93 -8.21
C GLU A 402 7.12 8.81 -8.29
N ASP A 403 7.14 9.80 -9.17
CA ASP A 403 5.95 10.62 -9.36
C ASP A 403 4.81 9.78 -9.93
C11 78K B . -8.68 6.46 -2.57
C21 78K B . -13.55 5.26 -2.47
C12 78K B . -7.39 6.98 -3.12
C13 78K B . -7.29 7.96 -4.18
C14 78K B . -4.96 7.69 -4.27
C15 78K B . -6.24 6.45 -2.67
C16 78K B . -3.88 5.98 -2.76
C17 78K B . -3.73 6.77 -0.50
C1 78K B . -8.57 13.90 4.50
C2 78K B . -8.23 13.15 3.37
C3 78K B . -9.25 12.85 2.48
N1 78K B . -10.53 13.19 2.60
C4 78K B . -10.74 13.90 3.70
N2 78K B . -9.87 14.27 4.64
N3 78K B . -8.67 12.11 1.48
C5 78K B . -7.35 12.02 1.81
N4 78K B . -7.02 12.61 2.93
C6 78K B . -9.34 11.53 0.33
O1 78K B . -9.36 10.14 0.50
C7 78K B . -9.72 9.60 -0.80
C8 78K B . -9.21 10.59 -1.85
C9 78K B . -8.65 11.75 -1.01
O2 78K B . -9.00 13.02 -1.56
O3 78K B . -10.25 10.98 -2.75
C10 78K B . -9.16 8.20 -0.92
N5 78K B . -9.62 7.56 -2.19
N6 78K B . -7.68 14.30 5.42
N7 78K B . -6.11 8.29 -4.70
N8 78K B . -5.03 6.77 -3.23
N9 78K B . -8.38 8.58 -4.63
O4 78K B . -3.11 6.63 -1.78
O5 78K B . -3.86 7.87 -4.83
C18 78K B . -11.06 7.11 -2.18
C19 78K B . -11.32 5.99 -1.19
C20 78K B . -12.48 5.07 -1.34
N10 78K B . -13.02 4.59 -0.06
O6 78K B . -14.25 4.18 -2.40
O7 78K B . -13.61 6.09 -3.34
H12 78K B . -8.51 5.81 -1.71
H11 78K B . -9.14 5.82 -3.32
H15 78K B . -6.22 5.75 -1.85
H19 78K B . -3.30 5.67 -3.63
H18 78K B . -4.26 5.05 -2.32
H21 78K B . -2.92 7.02 0.17
H22 78K B . -4.49 7.54 -0.42
H20 78K B . -4.16 5.81 -0.20
H1 78K B . -11.76 14.22 3.88
H2 78K B . -6.63 11.48 1.19
H3 78K B . -10.37 11.89 0.32
H4 78K B . -10.81 9.61 -0.81
H5 78K B . -8.42 10.14 -2.46
H6 78K B . -7.57 11.67 -0.94
H7 78K B . -8.53 13.09 -2.43
H8 78K B . -9.85 11.46 -3.52
H10 78K B . -8.08 8.20 -0.85
H9 78K B . -9.48 7.61 -0.07
H14 78K B . -7.99 14.85 6.22
H13 78K B . -6.70 14.08 5.33
H16 78K B . -8.50 9.57 -4.46
H17 78K B . -9.23 8.08 -4.82
H24 78K B . -11.70 7.96 -1.95
H23 78K B . -11.34 6.80 -3.18
H25 78K B . -11.38 6.41 -0.18
H26 78K B . -10.42 5.38 -1.14
H27 78K B . -11.97 4.18 -1.72
H28 78K B . -12.33 4.34 0.65
H29 78K B . -13.74 3.88 -0.14
H30 78K B . -14.98 4.17 -3.07
#